data_6EIN
#
_entry.id   6EIN
#
_cell.length_a   143.470
_cell.length_b   143.470
_cell.length_c   153.470
_cell.angle_alpha   90.00
_cell.angle_beta   90.00
_cell.angle_gamma   120.00
#
_symmetry.space_group_name_H-M   'P 65 2 2'
#
loop_
_entity.id
_entity.type
_entity.pdbx_description
1 polymer 'Lysine-specific demethylase 5B,Lysine-specific demethylase 5B'
2 non-polymer 8-[4-[2-(4-propanoylpiperazin-1-yl)ethyl]pyrazol-1-yl]-3~{H}-pyrido[3,4-d]pyrimidin-4-one
3 non-polymer 'ZINC ION'
4 non-polymer 'MANGANESE (II) ION'
5 non-polymer 1,2-ETHANEDIOL
6 water water
#
_entity_poly.entity_id   1
_entity_poly.type   'polypeptide(L)'
_entity_poly.pdbx_seq_one_letter_code
;SMFLPPPECPVFEPSWEEFADPFAFIHKIRPIAEQTGICKVRPPPDWQPPFACDVDKLHFTPRIQRLNELEAQTRVKLGG
GGARDYTLRTFGEMADAFKSDYFNMPVHMVPTELVEKEFWRLVSTIEEDVTVEYGADIASKEFGSGFPVRDGKIKLSPEE
EEYLDSGWNLNNMPVMEQSVLAHITADICGMKLPWLYVGMCFSSFCWHIEDHWSYSINYLHWGEPKTWYGVPGYAAEQLE
NVMKKLAPELFVSQPDLLHQLVTIMNPNTLMTHEVPVYRTNQCAGEFVITFPRAYHSGFNQGFNFAEAVNFCTVDWLPLG
RQCVEHYRLLHRYCVFSHDEMICKMASKADVLDVVVASTVQKDMAIMIEDEKALRETVRKLGVIDSERMDFELLPDDERQ
CVKCKTTCFMSAISCSCKPGLLVCLHHVKELCSCPPYKYKLRYRYTLDDLYPMMNALKLRAESYNEWALNVNEALEAKIN
K
;
_entity_poly.pdbx_strand_id   A
#
# COMPACT_ATOMS: atom_id res chain seq x y z
N MET A 2 21.84 -23.38 -6.85
CA MET A 2 22.25 -22.88 -5.54
C MET A 2 21.61 -21.54 -5.17
N PHE A 3 21.24 -21.37 -3.91
CA PHE A 3 20.61 -20.14 -3.42
C PHE A 3 21.40 -19.63 -2.22
N LEU A 4 21.88 -18.39 -2.29
CA LEU A 4 22.52 -17.76 -1.16
C LEU A 4 21.53 -16.84 -0.46
N PRO A 5 21.09 -17.16 0.76
CA PRO A 5 20.02 -16.36 1.40
C PRO A 5 20.49 -14.93 1.65
N PRO A 6 19.66 -13.93 1.35
CA PRO A 6 20.02 -12.53 1.67
C PRO A 6 20.21 -12.36 3.16
N PRO A 7 20.87 -11.29 3.59
CA PRO A 7 21.00 -11.05 5.03
C PRO A 7 19.65 -10.75 5.68
N GLU A 8 19.58 -10.97 7.00
CA GLU A 8 18.33 -10.77 7.74
C GLU A 8 18.02 -9.29 7.93
N CYS A 9 16.74 -8.93 7.79
CA CYS A 9 16.29 -7.57 8.08
C CYS A 9 16.30 -7.34 9.60
N PRO A 10 16.17 -6.10 10.04
CA PRO A 10 16.16 -5.84 11.50
C PRO A 10 14.91 -6.40 12.18
N VAL A 11 15.07 -6.75 13.47
CA VAL A 11 14.02 -7.29 14.33
C VAL A 11 13.97 -6.47 15.60
N PHE A 12 12.79 -5.94 15.94
CA PHE A 12 12.60 -5.14 17.14
C PHE A 12 11.73 -5.88 18.14
N GLU A 13 12.05 -5.72 19.43
CA GLU A 13 11.27 -6.29 20.53
C GLU A 13 10.91 -5.16 21.51
N PRO A 14 9.87 -4.39 21.20
CA PRO A 14 9.57 -3.21 22.03
C PRO A 14 9.05 -3.57 23.42
N SER A 15 9.38 -2.72 24.39
CA SER A 15 8.80 -2.79 25.73
C SER A 15 7.34 -2.33 25.68
N TRP A 16 6.63 -2.52 26.80
CA TRP A 16 5.25 -2.07 26.86
C TRP A 16 5.16 -0.56 26.64
N GLU A 17 6.05 0.21 27.28
CA GLU A 17 6.05 1.66 27.05
C GLU A 17 6.24 1.98 25.57
N GLU A 18 7.22 1.34 24.92
CA GLU A 18 7.44 1.58 23.50
C GLU A 18 6.26 1.10 22.66
N PHE A 19 5.67 -0.05 23.03
CA PHE A 19 4.62 -0.66 22.22
C PHE A 19 3.32 0.13 22.28
N ALA A 20 3.11 0.90 23.34
CA ALA A 20 1.83 1.51 23.63
C ALA A 20 1.33 2.43 22.51
N ASP A 21 2.23 2.96 21.69
CA ASP A 21 1.83 3.87 20.62
C ASP A 21 2.51 3.45 19.32
N PRO A 22 1.79 2.80 18.40
CA PRO A 22 2.46 2.26 17.21
C PRO A 22 3.07 3.33 16.31
N PHE A 23 2.47 4.50 16.19
CA PHE A 23 3.02 5.52 15.30
C PHE A 23 4.27 6.15 15.88
N ALA A 24 4.31 6.34 17.20
CA ALA A 24 5.53 6.82 17.84
C ALA A 24 6.66 5.81 17.69
N PHE A 25 6.34 4.52 17.80
CA PHE A 25 7.38 3.51 17.67
C PHE A 25 7.87 3.38 16.23
N ILE A 26 6.96 3.45 15.25
CA ILE A 26 7.36 3.38 13.84
C ILE A 26 8.26 4.56 13.49
N HIS A 27 7.94 5.76 14.00
CA HIS A 27 8.79 6.91 13.79
C HIS A 27 10.15 6.72 14.46
N LYS A 28 10.16 6.08 15.63
CA LYS A 28 11.42 5.82 16.35
C LYS A 28 12.34 4.92 15.53
N ILE A 29 11.82 3.83 14.96
CA ILE A 29 12.69 2.88 14.25
C ILE A 29 12.98 3.28 12.82
N ARG A 30 12.33 4.31 12.31
CA ARG A 30 12.46 4.66 10.89
C ARG A 30 13.90 4.87 10.42
N PRO A 31 14.78 5.54 11.16
CA PRO A 31 16.17 5.69 10.67
C PRO A 31 16.83 4.37 10.30
N ILE A 32 16.61 3.31 11.09
CA ILE A 32 17.18 2.00 10.79
C ILE A 32 16.38 1.30 9.70
N ALA A 33 15.05 1.22 9.86
CA ALA A 33 14.26 0.33 9.02
C ALA A 33 14.14 0.84 7.59
N GLU A 34 14.18 2.16 7.39
CA GLU A 34 14.08 2.65 6.01
C GLU A 34 15.32 2.31 5.19
N GLN A 35 16.43 1.93 5.85
CA GLN A 35 17.61 1.47 5.14
C GLN A 35 17.50 0.04 4.65
N THR A 36 16.51 -0.73 5.13
CA THR A 36 16.32 -2.11 4.71
C THR A 36 14.98 -2.36 4.05
N GLY A 37 14.09 -1.38 4.01
CA GLY A 37 12.78 -1.56 3.36
C GLY A 37 11.71 -2.24 4.19
N ILE A 38 12.00 -3.41 4.77
CA ILE A 38 11.09 -4.11 5.68
C ILE A 38 11.76 -4.29 7.03
N CYS A 39 10.93 -4.51 8.05
CA CYS A 39 11.41 -4.91 9.37
C CYS A 39 10.35 -5.76 10.05
N LYS A 40 10.77 -6.46 11.11
CA LYS A 40 9.89 -7.31 11.90
C LYS A 40 9.74 -6.72 13.31
N VAL A 41 8.55 -6.86 13.90
CA VAL A 41 8.26 -6.40 15.26
C VAL A 41 7.61 -7.55 16.03
N ARG A 42 8.24 -7.96 17.15
CA ARG A 42 7.66 -8.92 18.07
C ARG A 42 7.00 -8.18 19.22
N PRO A 43 5.69 -8.34 19.44
CA PRO A 43 5.02 -7.64 20.54
C PRO A 43 5.48 -8.14 21.89
N PRO A 44 5.16 -7.45 22.97
CA PRO A 44 5.40 -8.01 24.32
C PRO A 44 4.81 -9.39 24.43
N PRO A 45 5.41 -10.27 25.23
CA PRO A 45 5.00 -11.69 25.25
C PRO A 45 3.55 -11.92 25.65
N ASP A 46 2.99 -11.10 26.53
CA ASP A 46 1.60 -11.25 26.95
C ASP A 46 0.59 -10.56 26.04
N TRP A 47 1.02 -9.82 25.00
CA TRP A 47 0.05 -9.26 24.05
C TRP A 47 -0.40 -10.42 23.17
N GLN A 48 -1.60 -10.93 23.42
CA GLN A 48 -2.08 -12.16 22.81
C GLN A 48 -3.54 -12.01 22.38
N PRO A 49 -3.77 -11.32 21.27
CA PRO A 49 -5.15 -11.12 20.78
C PRO A 49 -5.80 -12.45 20.43
N PRO A 50 -7.01 -12.71 20.92
CA PRO A 50 -7.63 -14.01 20.64
C PRO A 50 -8.22 -14.05 19.23
N PHE A 51 -8.06 -15.20 18.58
CA PHE A 51 -8.60 -15.46 17.25
C PHE A 51 -9.68 -16.52 17.37
N ALA A 52 -10.87 -16.20 16.86
CA ALA A 52 -11.98 -17.16 16.84
C ALA A 52 -12.62 -17.15 15.46
N CYS A 53 -12.54 -18.27 14.77
CA CYS A 53 -13.24 -18.46 13.51
C CYS A 53 -13.81 -19.87 13.47
N ASP A 54 -15.01 -19.98 12.89
CA ASP A 54 -15.58 -21.28 12.54
C ASP A 54 -15.05 -21.66 11.17
N VAL A 55 -14.30 -22.77 11.12
CA VAL A 55 -13.62 -23.20 9.91
C VAL A 55 -14.58 -23.68 8.84
N ASP A 56 -15.86 -23.88 9.18
CA ASP A 56 -16.84 -24.45 8.26
C ASP A 56 -17.80 -23.42 7.68
N LYS A 57 -17.87 -22.20 8.22
CA LYS A 57 -18.88 -21.23 7.83
C LYS A 57 -18.32 -20.09 7.00
N LEU A 58 -17.04 -20.10 6.66
CA LEU A 58 -16.46 -19.04 5.86
C LEU A 58 -15.81 -19.63 4.62
N HIS A 59 -16.25 -19.16 3.45
CA HIS A 59 -15.93 -19.71 2.13
C HIS A 59 -15.10 -18.72 1.35
N PHE A 60 -14.29 -19.23 0.41
CA PHE A 60 -13.61 -18.38 -0.55
C PHE A 60 -13.17 -19.21 -1.75
N THR A 61 -12.93 -18.51 -2.87
CA THR A 61 -12.41 -19.10 -4.10
C THR A 61 -11.00 -18.57 -4.35
N PRO A 62 -9.95 -19.39 -4.24
CA PRO A 62 -8.59 -18.86 -4.33
C PRO A 62 -8.08 -18.76 -5.77
N ARG A 63 -7.07 -17.92 -5.95
CA ARG A 63 -6.44 -17.82 -7.27
C ARG A 63 -5.46 -18.96 -7.49
N ILE A 64 -5.38 -19.41 -8.73
CA ILE A 64 -4.48 -20.49 -9.11
C ILE A 64 -3.13 -19.90 -9.51
N GLN A 65 -2.05 -20.49 -9.03
CA GLN A 65 -0.72 -19.93 -9.24
C GLN A 65 0.17 -20.98 -9.87
N ARG A 66 0.66 -20.69 -11.09
CA ARG A 66 1.64 -21.54 -11.76
C ARG A 66 3.02 -20.97 -11.48
N LEU A 67 3.91 -21.80 -10.93
CA LEU A 67 5.18 -21.30 -10.41
C LEU A 67 6.19 -21.18 -11.54
N ASN A 68 6.44 -19.96 -12.00
CA ASN A 68 7.35 -19.71 -13.12
C ASN A 68 7.98 -18.34 -12.95
N GLU A 69 9.31 -18.31 -12.85
CA GLU A 69 10.05 -17.06 -12.68
C GLU A 69 9.94 -16.20 -13.94
N LEU A 70 9.87 -14.88 -13.73
CA LEU A 70 9.83 -13.88 -14.79
C LEU A 70 8.59 -13.97 -15.67
N GLU A 71 7.53 -14.64 -15.19
CA GLU A 71 6.26 -14.74 -15.91
C GLU A 71 5.23 -13.83 -15.23
N ALA A 72 4.62 -12.95 -16.01
CA ALA A 72 3.67 -11.96 -15.49
C ALA A 72 2.47 -12.59 -14.78
N ALA A 83 -10.70 -23.65 -11.04
CA ALA A 83 -10.96 -22.96 -9.78
C ALA A 83 -12.20 -23.52 -9.09
N ARG A 84 -12.23 -23.46 -7.76
CA ARG A 84 -13.33 -24.03 -6.99
C ARG A 84 -13.47 -23.29 -5.67
N ASP A 85 -14.52 -23.64 -4.92
CA ASP A 85 -14.83 -23.04 -3.63
C ASP A 85 -14.30 -23.92 -2.51
N TYR A 86 -13.69 -23.30 -1.51
CA TYR A 86 -13.19 -24.00 -0.32
C TYR A 86 -13.77 -23.34 0.92
N THR A 87 -13.97 -24.14 1.97
CA THR A 87 -14.03 -23.56 3.30
C THR A 87 -12.61 -23.47 3.86
N LEU A 88 -12.47 -22.72 4.96
CA LEU A 88 -11.17 -22.70 5.62
C LEU A 88 -10.72 -24.10 6.00
N ARG A 89 -11.67 -24.98 6.37
CA ARG A 89 -11.29 -26.34 6.74
C ARG A 89 -10.81 -27.14 5.54
N THR A 90 -11.57 -27.12 4.43
CA THR A 90 -11.18 -27.92 3.28
C THR A 90 -9.92 -27.37 2.61
N PHE A 91 -9.72 -26.05 2.62
CA PHE A 91 -8.46 -25.50 2.12
C PHE A 91 -7.28 -26.00 2.93
N GLY A 92 -7.40 -25.97 4.27
CA GLY A 92 -6.32 -26.46 5.10
C GLY A 92 -6.03 -27.93 4.92
N GLU A 93 -7.07 -28.73 4.66
CA GLU A 93 -6.83 -30.15 4.39
C GLU A 93 -6.10 -30.34 3.06
N MET A 94 -6.50 -29.61 2.02
CA MET A 94 -5.76 -29.60 0.76
C MET A 94 -4.31 -29.17 0.98
N ALA A 95 -4.11 -28.08 1.72
CA ALA A 95 -2.78 -27.50 1.85
C ALA A 95 -1.82 -28.45 2.57
N ASP A 96 -2.27 -29.06 3.68
CA ASP A 96 -1.40 -29.95 4.46
C ASP A 96 -1.03 -31.20 3.66
N ALA A 97 -2.02 -31.80 2.98
CA ALA A 97 -1.73 -32.99 2.17
C ALA A 97 -0.77 -32.67 1.03
N PHE A 98 -0.90 -31.50 0.41
CA PHE A 98 0.05 -31.11 -0.65
C PHE A 98 1.48 -31.07 -0.13
N LYS A 99 1.71 -30.36 0.98
CA LYS A 99 3.06 -30.22 1.50
C LYS A 99 3.64 -31.54 1.97
N SER A 100 2.85 -32.36 2.67
CA SER A 100 3.41 -33.61 3.18
C SER A 100 3.64 -34.61 2.04
N ASP A 101 2.82 -34.57 0.99
CA ASP A 101 3.09 -35.41 -0.18
C ASP A 101 4.30 -34.91 -0.95
N TYR A 102 4.50 -33.59 -1.00
CA TYR A 102 5.60 -33.02 -1.78
C TYR A 102 6.95 -33.47 -1.24
N PHE A 103 7.09 -33.47 0.09
CA PHE A 103 8.36 -33.82 0.72
C PHE A 103 8.38 -35.23 1.29
N ASN A 104 7.25 -35.93 1.30
CA ASN A 104 7.14 -37.23 1.97
C ASN A 104 7.62 -37.15 3.43
N MET A 105 7.20 -36.09 4.14
CA MET A 105 7.47 -35.87 5.56
C MET A 105 6.24 -35.34 6.30
N PRO A 106 6.21 -35.39 7.64
CA PRO A 106 5.25 -34.56 8.38
C PRO A 106 5.51 -33.07 8.17
N VAL A 107 4.45 -32.26 8.17
CA VAL A 107 4.60 -30.85 7.72
C VAL A 107 5.57 -30.09 8.62
N HIS A 108 5.53 -30.37 9.93
CA HIS A 108 6.33 -29.65 10.91
C HIS A 108 7.79 -30.06 10.92
N MET A 109 8.15 -31.10 10.18
CA MET A 109 9.52 -31.54 10.14
C MET A 109 10.27 -30.98 8.95
N VAL A 110 9.60 -30.26 8.06
CA VAL A 110 10.27 -29.71 6.86
C VAL A 110 11.00 -28.41 7.20
N PRO A 111 12.33 -28.40 7.14
CA PRO A 111 13.08 -27.19 7.49
C PRO A 111 12.75 -26.00 6.58
N THR A 112 12.72 -24.80 7.18
CA THR A 112 12.35 -23.61 6.41
C THR A 112 13.41 -23.29 5.36
N GLU A 113 14.69 -23.55 5.65
CA GLU A 113 15.74 -23.33 4.66
C GLU A 113 15.55 -24.22 3.42
N LEU A 114 14.97 -25.41 3.61
CA LEU A 114 14.79 -26.34 2.49
C LEU A 114 13.61 -25.92 1.62
N VAL A 115 12.51 -25.48 2.25
CA VAL A 115 11.38 -24.97 1.47
C VAL A 115 11.80 -23.75 0.65
N GLU A 116 12.58 -22.84 1.24
CA GLU A 116 13.09 -21.67 0.52
C GLU A 116 13.94 -22.08 -0.67
N LYS A 117 14.93 -22.95 -0.44
CA LYS A 117 15.76 -23.48 -1.52
C LYS A 117 14.92 -24.08 -2.64
N GLU A 118 13.91 -24.87 -2.27
CA GLU A 118 13.09 -25.57 -3.26
C GLU A 118 12.18 -24.61 -4.01
N PHE A 119 11.69 -23.56 -3.33
CA PHE A 119 10.87 -22.57 -4.03
C PHE A 119 11.64 -21.94 -5.18
N TRP A 120 12.88 -21.49 -4.92
CA TRP A 120 13.63 -20.81 -5.97
C TRP A 120 14.11 -21.78 -7.04
N ARG A 121 14.33 -23.05 -6.71
CA ARG A 121 14.56 -24.05 -7.75
C ARG A 121 13.34 -24.20 -8.64
N LEU A 122 12.15 -24.30 -8.02
CA LEU A 122 10.92 -24.57 -8.73
C LEU A 122 10.63 -23.49 -9.78
N VAL A 123 10.67 -22.22 -9.39
CA VAL A 123 10.27 -21.17 -10.30
C VAL A 123 11.23 -20.98 -11.47
N SER A 124 12.44 -21.55 -11.38
CA SER A 124 13.43 -21.39 -12.44
C SER A 124 13.59 -22.62 -13.32
N THR A 125 12.93 -23.74 -13.01
CA THR A 125 12.99 -24.93 -13.86
C THR A 125 11.73 -25.04 -14.71
N ILE A 126 11.90 -25.20 -16.02
CA ILE A 126 10.74 -25.33 -16.90
C ILE A 126 10.26 -26.78 -17.01
N GLU A 127 11.10 -27.75 -16.68
CA GLU A 127 10.69 -29.15 -16.65
C GLU A 127 9.65 -29.45 -15.57
N GLU A 128 9.34 -28.51 -14.68
CA GLU A 128 8.39 -28.71 -13.59
C GLU A 128 7.16 -27.83 -13.80
N ASP A 129 5.99 -28.36 -13.47
CA ASP A 129 4.71 -27.69 -13.73
C ASP A 129 3.90 -27.47 -12.44
N VAL A 130 4.58 -27.20 -11.33
CA VAL A 130 3.90 -27.11 -10.03
C VAL A 130 2.94 -25.93 -10.02
N THR A 131 1.70 -26.18 -9.57
CA THR A 131 0.70 -25.14 -9.39
C THR A 131 0.11 -25.25 -7.98
N VAL A 132 -0.17 -24.10 -7.36
CA VAL A 132 -0.76 -24.02 -6.03
C VAL A 132 -1.94 -23.04 -6.07
N GLU A 133 -2.57 -22.83 -4.92
CA GLU A 133 -3.70 -21.91 -4.79
C GLU A 133 -3.49 -21.00 -3.57
N TYR A 134 -4.04 -19.79 -3.65
CA TYR A 134 -3.78 -18.76 -2.63
C TYR A 134 -5.07 -18.01 -2.37
N GLY A 135 -5.61 -18.11 -1.15
CA GLY A 135 -6.76 -17.30 -0.81
C GLY A 135 -6.34 -15.86 -0.52
N ALA A 136 -6.19 -15.05 -1.57
CA ALA A 136 -5.56 -13.76 -1.45
C ALA A 136 -6.57 -12.63 -1.64
N ASP A 137 -6.26 -11.49 -1.01
CA ASP A 137 -7.10 -10.27 -1.09
C ASP A 137 -8.56 -10.56 -0.79
N ILE A 138 -8.81 -11.35 0.25
CA ILE A 138 -10.14 -11.51 0.79
C ILE A 138 -10.49 -10.26 1.59
N ALA A 139 -11.63 -9.65 1.29
CA ALA A 139 -12.03 -8.41 1.95
C ALA A 139 -12.49 -8.66 3.38
N SER A 140 -11.96 -7.88 4.33
CA SER A 140 -12.44 -7.91 5.70
C SER A 140 -13.94 -7.65 5.82
N LYS A 141 -14.54 -6.91 4.86
CA LYS A 141 -15.95 -6.54 4.99
C LYS A 141 -16.86 -7.75 4.88
N GLU A 142 -16.56 -8.69 3.98
CA GLU A 142 -17.41 -9.86 3.81
C GLU A 142 -17.04 -10.97 4.78
N PHE A 143 -15.74 -11.26 4.92
CA PHE A 143 -15.23 -12.39 5.69
C PHE A 143 -15.15 -12.10 7.19
N GLY A 144 -14.97 -10.83 7.57
CA GLY A 144 -14.68 -10.47 8.96
C GLY A 144 -13.20 -10.48 9.27
N SER A 145 -12.81 -9.63 10.21
CA SER A 145 -11.42 -9.46 10.62
C SER A 145 -10.97 -10.57 11.57
N GLY A 146 -9.65 -10.82 11.58
CA GLY A 146 -9.07 -11.68 12.61
C GLY A 146 -8.96 -11.05 13.98
N PHE A 147 -8.97 -9.69 14.05
CA PHE A 147 -8.97 -8.99 15.32
C PHE A 147 -10.41 -8.74 15.78
N PRO A 148 -10.63 -8.55 17.09
CA PRO A 148 -12.00 -8.28 17.57
C PRO A 148 -12.48 -6.89 17.16
N VAL A 149 -13.78 -6.80 16.88
CA VAL A 149 -14.43 -5.55 16.50
C VAL A 149 -15.78 -5.44 17.21
N ARG A 150 -16.27 -4.21 17.34
CA ARG A 150 -17.58 -4.00 17.94
C ARG A 150 -18.69 -4.39 16.95
N ASP A 151 -19.67 -5.16 17.44
CA ASP A 151 -20.78 -5.63 16.60
C ASP A 151 -22.10 -5.61 17.35
N LYS A 155 -22.11 -10.59 21.82
CA LYS A 155 -21.40 -10.26 23.05
C LYS A 155 -19.96 -10.78 23.03
N LEU A 156 -19.03 -9.88 23.33
CA LEU A 156 -17.61 -10.18 23.38
C LEU A 156 -17.18 -10.51 24.80
N SER A 157 -16.17 -11.39 24.91
CA SER A 157 -15.57 -11.72 26.18
C SER A 157 -14.68 -10.56 26.67
N PRO A 158 -14.44 -10.47 27.99
CA PRO A 158 -13.50 -9.45 28.49
C PRO A 158 -12.12 -9.54 27.84
N GLU A 159 -11.65 -10.75 27.49
CA GLU A 159 -10.36 -10.88 26.81
C GLU A 159 -10.38 -10.23 25.42
N GLU A 160 -11.49 -10.40 24.68
CA GLU A 160 -11.61 -9.75 23.39
C GLU A 160 -11.78 -8.23 23.54
N GLU A 161 -12.46 -7.78 24.61
CA GLU A 161 -12.63 -6.35 24.83
C GLU A 161 -11.31 -5.67 25.16
N GLU A 162 -10.35 -6.40 25.73
CA GLU A 162 -9.03 -5.84 26.01
C GLU A 162 -8.36 -5.31 24.75
N TYR A 163 -8.61 -5.94 23.59
CA TYR A 163 -7.90 -5.65 22.36
C TYR A 163 -8.72 -4.83 21.38
N LEU A 164 -9.92 -4.38 21.76
CA LEU A 164 -10.78 -3.65 20.83
C LEU A 164 -10.15 -2.34 20.40
N ASP A 165 -9.48 -1.66 21.32
CA ASP A 165 -8.98 -0.31 21.11
C ASP A 165 -7.46 -0.25 20.97
N SER A 166 -6.78 -1.40 20.96
CA SER A 166 -5.34 -1.40 20.74
C SER A 166 -5.00 -0.74 19.41
N GLY A 167 -3.93 0.07 19.42
CA GLY A 167 -3.44 0.65 18.19
C GLY A 167 -2.90 -0.38 17.20
N TRP A 168 -2.47 -1.54 17.70
CA TRP A 168 -1.95 -2.58 16.82
C TRP A 168 -3.02 -3.55 16.34
N ASN A 169 -4.25 -3.41 16.82
CA ASN A 169 -5.42 -3.98 16.15
C ASN A 169 -5.57 -3.26 14.82
N LEU A 170 -5.34 -3.98 13.71
CA LEU A 170 -5.17 -3.30 12.43
C LEU A 170 -6.44 -2.60 11.94
N ASN A 171 -7.60 -2.87 12.55
CA ASN A 171 -8.80 -2.10 12.27
C ASN A 171 -8.70 -0.67 12.77
N ASN A 172 -7.94 -0.43 13.84
CA ASN A 172 -7.88 0.90 14.44
C ASN A 172 -6.85 1.79 13.77
N MET A 173 -5.75 1.21 13.32
CA MET A 173 -4.62 2.00 12.85
C MET A 173 -4.98 3.06 11.81
N PRO A 174 -5.86 2.81 10.83
CA PRO A 174 -6.17 3.88 9.85
C PRO A 174 -6.88 5.10 10.43
N VAL A 175 -7.54 4.99 11.58
CA VAL A 175 -8.39 6.07 12.08
C VAL A 175 -7.78 6.76 13.29
N MET A 176 -6.55 6.40 13.67
CA MET A 176 -5.94 7.12 14.75
C MET A 176 -5.45 8.51 14.28
N GLU A 177 -5.23 9.40 15.26
CA GLU A 177 -4.97 10.81 14.95
C GLU A 177 -3.65 11.02 14.21
N GLN A 178 -2.68 10.11 14.36
CA GLN A 178 -1.41 10.26 13.65
C GLN A 178 -1.47 9.76 12.21
N SER A 179 -2.58 9.12 11.82
CA SER A 179 -2.80 8.73 10.44
C SER A 179 -3.40 9.90 9.65
N VAL A 180 -2.87 10.18 8.46
CA VAL A 180 -3.35 11.34 7.72
C VAL A 180 -4.61 11.07 6.91
N LEU A 181 -5.11 9.83 6.90
CA LEU A 181 -6.43 9.55 6.34
C LEU A 181 -7.52 9.50 7.42
N ALA A 182 -7.19 9.79 8.67
CA ALA A 182 -8.14 9.62 9.76
C ALA A 182 -9.39 10.48 9.61
N HIS A 183 -9.26 11.68 9.02
CA HIS A 183 -10.41 12.54 8.80
C HIS A 183 -10.84 12.58 7.34
N ILE A 184 -10.33 11.66 6.51
CA ILE A 184 -10.77 11.51 5.13
C ILE A 184 -11.95 10.54 5.11
N THR A 185 -13.12 11.04 4.73
CA THR A 185 -14.32 10.21 4.73
C THR A 185 -14.58 9.54 3.39
N ALA A 186 -13.93 9.97 2.32
CA ALA A 186 -14.05 9.27 1.04
C ALA A 186 -13.54 7.84 1.17
N ASP A 187 -14.09 6.96 0.33
CA ASP A 187 -13.77 5.53 0.39
C ASP A 187 -12.53 5.24 -0.46
N ILE A 188 -11.40 5.75 0.01
CA ILE A 188 -10.11 5.54 -0.64
C ILE A 188 -9.78 4.06 -0.74
N CYS A 189 -10.18 3.33 -1.91
CA CYS A 189 -10.53 1.95 -2.26
C CYS A 189 -9.87 1.02 -1.25
N GLY A 190 -9.97 -0.19 -0.50
CA GLY A 190 -9.67 -0.83 0.77
C GLY A 190 -8.34 -0.43 1.37
N MET A 191 -7.94 0.82 1.15
CA MET A 191 -6.77 1.38 1.82
C MET A 191 -7.07 1.86 3.24
N LYS A 192 -8.27 1.55 3.76
CA LYS A 192 -8.64 1.81 5.13
C LYS A 192 -9.21 0.60 5.85
N LEU A 193 -9.50 -0.49 5.15
CA LEU A 193 -10.03 -1.74 5.65
C LEU A 193 -9.02 -2.87 5.44
N PRO A 194 -8.83 -3.75 6.42
CA PRO A 194 -7.82 -4.81 6.29
C PRO A 194 -8.15 -5.83 5.21
N TRP A 195 -7.11 -6.51 4.73
CA TRP A 195 -7.24 -7.63 3.80
C TRP A 195 -6.69 -8.90 4.44
N LEU A 196 -7.27 -10.04 4.08
CA LEU A 196 -6.90 -11.34 4.62
C LEU A 196 -6.21 -12.19 3.55
N TYR A 197 -5.29 -13.05 4.00
CA TYR A 197 -4.52 -13.94 3.10
C TYR A 197 -4.43 -15.32 3.73
N VAL A 198 -5.05 -16.32 3.08
CA VAL A 198 -4.97 -17.70 3.53
C VAL A 198 -3.96 -18.43 2.64
N GLY A 199 -2.80 -18.82 3.21
CA GLY A 199 -1.72 -19.39 2.42
C GLY A 199 -1.59 -20.91 2.49
N MET A 200 -0.86 -21.46 1.51
CA MET A 200 -0.33 -22.82 1.55
C MET A 200 1.14 -22.82 1.13
N CYS A 201 1.80 -23.98 1.26
CA CYS A 201 3.20 -24.11 0.84
C CYS A 201 3.39 -23.66 -0.61
N PHE A 202 4.32 -22.72 -0.82
CA PHE A 202 4.78 -22.14 -2.10
C PHE A 202 3.82 -21.08 -2.67
N SER A 203 2.65 -20.81 -2.07
CA SER A 203 1.85 -19.70 -2.58
C SER A 203 2.61 -18.40 -2.35
N SER A 204 2.50 -17.44 -3.27
CA SER A 204 3.49 -16.36 -3.28
C SER A 204 2.90 -15.01 -3.67
N PHE A 205 3.66 -13.96 -3.38
CA PHE A 205 3.38 -12.61 -3.86
C PHE A 205 4.60 -12.04 -4.58
N CYS A 206 4.37 -11.47 -5.77
CA CYS A 206 5.42 -10.97 -6.66
C CYS A 206 6.00 -9.65 -6.16
N TRP A 207 7.13 -9.26 -6.74
CA TRP A 207 7.75 -7.97 -6.45
C TRP A 207 6.77 -6.82 -6.74
N HIS A 208 6.61 -5.91 -5.76
CA HIS A 208 5.72 -4.77 -5.93
C HIS A 208 6.00 -3.73 -4.85
N ILE A 209 5.45 -2.53 -5.07
CA ILE A 209 5.36 -1.48 -4.05
C ILE A 209 3.87 -1.12 -3.87
N GLU A 210 3.56 -0.46 -2.76
CA GLU A 210 2.18 -0.14 -2.41
C GLU A 210 1.66 1.06 -3.21
N ASP A 211 0.34 1.10 -3.39
CA ASP A 211 -0.31 2.25 -4.05
C ASP A 211 0.06 3.55 -3.33
N HIS A 212 0.37 4.58 -4.12
CA HIS A 212 0.74 5.92 -3.61
C HIS A 212 1.96 5.87 -2.68
N TRP A 213 2.81 4.84 -2.83
CA TRP A 213 4.01 4.64 -2.01
C TRP A 213 3.70 4.64 -0.50
N SER A 214 2.55 4.07 -0.12
CA SER A 214 2.19 4.04 1.30
C SER A 214 3.00 2.99 2.05
N TYR A 215 2.93 3.08 3.38
CA TYR A 215 3.34 2.00 4.28
C TYR A 215 2.37 0.84 4.20
N SER A 216 2.80 -0.35 4.66
CA SER A 216 1.87 -1.42 5.01
C SER A 216 2.32 -2.11 6.29
N ILE A 217 1.37 -2.74 6.98
CA ILE A 217 1.65 -3.54 8.18
C ILE A 217 0.86 -4.84 8.07
N ASN A 218 1.54 -5.99 8.35
N ASN A 218 1.52 -5.96 8.41
CA ASN A 218 1.05 -7.35 8.12
CA ASN A 218 1.04 -7.30 8.16
C ASN A 218 1.24 -8.16 9.40
C ASN A 218 1.22 -8.12 9.44
N TYR A 219 0.14 -8.77 9.89
CA TYR A 219 0.16 -9.60 11.09
C TYR A 219 -0.17 -11.03 10.72
N LEU A 220 0.67 -11.97 11.16
CA LEU A 220 0.41 -13.40 10.94
C LEU A 220 -0.33 -13.92 12.17
N HIS A 221 -1.64 -14.21 12.01
CA HIS A 221 -2.45 -14.65 13.15
C HIS A 221 -2.05 -16.04 13.63
N TRP A 222 -1.83 -16.98 12.71
CA TRP A 222 -1.50 -18.36 13.08
C TRP A 222 -1.04 -19.13 11.85
N GLY A 223 -0.45 -20.31 12.08
CA GLY A 223 0.02 -21.20 11.03
C GLY A 223 1.53 -21.15 10.84
N GLU A 224 1.99 -21.79 9.75
CA GLU A 224 3.42 -21.85 9.43
C GLU A 224 3.91 -20.51 8.88
N PRO A 225 5.22 -20.28 8.87
CA PRO A 225 5.74 -18.91 8.65
C PRO A 225 5.51 -18.39 7.23
N LYS A 226 5.65 -17.06 7.11
CA LYS A 226 5.63 -16.34 5.82
C LYS A 226 7.03 -15.78 5.58
N THR A 227 7.66 -16.17 4.46
CA THR A 227 9.03 -15.75 4.14
C THR A 227 8.98 -14.51 3.24
N TRP A 228 9.72 -13.45 3.62
CA TRP A 228 9.72 -12.17 2.93
C TRP A 228 11.08 -11.83 2.35
N TYR A 229 11.10 -11.05 1.24
CA TYR A 229 12.28 -10.34 0.78
C TYR A 229 11.91 -8.87 0.60
N GLY A 230 12.84 -7.97 0.95
CA GLY A 230 12.56 -6.54 0.89
C GLY A 230 13.77 -5.75 0.40
N VAL A 231 13.48 -4.60 -0.21
CA VAL A 231 14.48 -3.69 -0.78
C VAL A 231 14.20 -2.27 -0.28
N PRO A 232 15.21 -1.52 0.18
CA PRO A 232 14.94 -0.16 0.69
C PRO A 232 14.39 0.79 -0.37
N GLY A 233 13.66 1.80 0.09
CA GLY A 233 13.08 2.78 -0.82
C GLY A 233 14.11 3.50 -1.69
N TYR A 234 15.33 3.69 -1.19
CA TYR A 234 16.27 4.45 -2.01
C TYR A 234 16.74 3.67 -3.24
N ALA A 235 16.57 2.34 -3.27
CA ALA A 235 17.04 1.51 -4.38
C ALA A 235 15.93 1.16 -5.36
N ALA A 236 14.77 1.82 -5.25
CA ALA A 236 13.62 1.45 -6.07
C ALA A 236 13.91 1.57 -7.56
N GLU A 237 14.47 2.70 -7.98
CA GLU A 237 14.71 2.87 -9.42
C GLU A 237 15.84 1.97 -9.90
N GLN A 238 16.79 1.66 -9.03
CA GLN A 238 17.84 0.71 -9.39
C GLN A 238 17.25 -0.68 -9.66
N LEU A 239 16.33 -1.14 -8.81
CA LEU A 239 15.67 -2.44 -9.04
C LEU A 239 14.88 -2.41 -10.34
N GLU A 240 14.18 -1.30 -10.60
CA GLU A 240 13.36 -1.22 -11.81
C GLU A 240 14.21 -1.27 -13.07
N ASN A 241 15.36 -0.60 -13.05
CA ASN A 241 16.28 -0.67 -14.19
C ASN A 241 16.77 -2.10 -14.41
N VAL A 242 17.03 -2.84 -13.32
CA VAL A 242 17.50 -4.22 -13.46
C VAL A 242 16.40 -5.08 -14.07
N MET A 243 15.16 -4.91 -13.62
CA MET A 243 14.10 -5.76 -14.15
C MET A 243 13.72 -5.37 -15.59
N LYS A 244 13.97 -4.13 -15.99
CA LYS A 244 13.70 -3.75 -17.38
C LYS A 244 14.68 -4.42 -18.34
N LYS A 245 15.94 -4.56 -17.95
CA LYS A 245 16.93 -5.21 -18.82
C LYS A 245 16.64 -6.70 -18.99
N LEU A 246 16.18 -7.36 -17.93
CA LEU A 246 16.13 -8.82 -17.88
C LEU A 246 14.77 -9.40 -18.24
N ALA A 247 13.71 -8.61 -18.16
CA ALA A 247 12.36 -9.08 -18.48
C ALA A 247 11.54 -7.92 -19.01
N PRO A 248 11.84 -7.45 -20.22
CA PRO A 248 11.19 -6.23 -20.72
C PRO A 248 9.68 -6.34 -20.89
N GLU A 249 9.14 -7.56 -21.01
CA GLU A 249 7.71 -7.72 -21.25
C GLU A 249 6.87 -7.05 -20.17
N LEU A 250 7.39 -6.94 -18.95
CA LEU A 250 6.69 -6.22 -17.89
C LEU A 250 6.76 -4.72 -18.15
N LEU A 261 1.21 -5.59 -14.32
CA LEU A 261 2.10 -6.73 -14.51
C LEU A 261 3.24 -6.75 -13.47
N VAL A 262 3.29 -7.82 -12.68
CA VAL A 262 4.34 -8.04 -11.69
C VAL A 262 4.87 -9.47 -11.86
N THR A 263 6.02 -9.76 -11.25
CA THR A 263 6.68 -11.04 -11.48
C THR A 263 7.53 -11.48 -10.30
N ILE A 264 7.90 -12.76 -10.34
CA ILE A 264 8.83 -13.41 -9.40
C ILE A 264 10.23 -13.37 -10.01
N MET A 265 11.20 -12.82 -9.28
CA MET A 265 12.58 -12.77 -9.72
C MET A 265 13.49 -13.14 -8.54
N ASN A 266 14.51 -13.97 -8.81
CA ASN A 266 15.35 -14.50 -7.74
C ASN A 266 16.09 -13.36 -7.05
N PRO A 267 16.04 -13.25 -5.72
CA PRO A 267 16.79 -12.17 -5.05
C PRO A 267 18.30 -12.22 -5.30
N ASN A 268 18.89 -13.40 -5.56
CA ASN A 268 20.31 -13.43 -5.87
C ASN A 268 20.61 -12.69 -7.18
N THR A 269 19.64 -12.63 -8.10
CA THR A 269 19.86 -11.90 -9.34
C THR A 269 19.93 -10.38 -9.09
N LEU A 270 19.07 -9.88 -8.21
CA LEU A 270 19.16 -8.46 -7.84
C LEU A 270 20.48 -8.16 -7.12
N MET A 271 20.85 -9.01 -6.16
CA MET A 271 22.11 -8.87 -5.44
C MET A 271 23.30 -8.87 -6.39
N THR A 272 23.29 -9.74 -7.41
CA THR A 272 24.37 -9.75 -8.39
C THR A 272 24.52 -8.40 -9.07
N HIS A 273 23.40 -7.68 -9.25
CA HIS A 273 23.44 -6.36 -9.86
C HIS A 273 23.45 -5.24 -8.83
N GLU A 274 23.92 -5.54 -7.61
CA GLU A 274 24.18 -4.53 -6.58
C GLU A 274 22.91 -3.85 -6.06
N VAL A 275 21.79 -4.56 -6.08
CA VAL A 275 20.60 -4.08 -5.38
C VAL A 275 20.58 -4.69 -3.98
N PRO A 276 20.48 -3.90 -2.91
CA PRO A 276 20.43 -4.48 -1.56
C PRO A 276 19.09 -5.16 -1.30
N VAL A 277 19.14 -6.42 -0.85
CA VAL A 277 17.98 -7.23 -0.52
C VAL A 277 18.14 -7.80 0.89
N TYR A 278 17.03 -7.83 1.66
CA TYR A 278 16.98 -8.41 3.00
C TYR A 278 15.82 -9.41 3.10
N ARG A 279 15.97 -10.41 3.98
CA ARG A 279 14.98 -11.48 4.14
C ARG A 279 14.49 -11.55 5.60
N THR A 280 13.38 -12.27 5.82
CA THR A 280 12.99 -12.70 7.16
C THR A 280 11.96 -13.82 7.05
N ASN A 281 11.89 -14.66 8.09
CA ASN A 281 10.78 -15.59 8.32
C ASN A 281 9.88 -14.95 9.38
N GLN A 282 8.70 -14.50 8.96
CA GLN A 282 7.68 -13.98 9.88
C GLN A 282 6.91 -15.16 10.47
N CYS A 283 6.93 -15.31 11.79
CA CYS A 283 6.20 -16.39 12.44
C CYS A 283 4.90 -15.89 13.08
N ALA A 284 4.07 -16.86 13.50
CA ALA A 284 2.78 -16.54 14.11
C ALA A 284 2.95 -15.59 15.30
N GLY A 285 2.13 -14.54 15.32
CA GLY A 285 2.21 -13.55 16.37
C GLY A 285 3.16 -12.39 16.10
N GLU A 286 3.76 -12.32 14.91
CA GLU A 286 4.71 -11.26 14.59
C GLU A 286 4.18 -10.35 13.48
N PHE A 287 4.60 -9.09 13.53
CA PHE A 287 4.31 -8.09 12.51
C PHE A 287 5.50 -7.90 11.56
N VAL A 288 5.20 -7.62 10.29
CA VAL A 288 6.14 -7.06 9.32
C VAL A 288 5.63 -5.69 8.88
N ILE A 289 6.53 -4.72 8.79
CA ILE A 289 6.22 -3.37 8.30
C ILE A 289 7.05 -3.07 7.04
N THR A 290 6.39 -2.58 5.99
CA THR A 290 7.07 -2.12 4.78
C THR A 290 7.00 -0.61 4.69
N PHE A 291 8.10 0.02 4.28
CA PHE A 291 8.24 1.48 4.29
C PHE A 291 7.97 2.04 2.89
N PRO A 292 7.83 3.38 2.76
CA PRO A 292 7.41 3.96 1.46
C PRO A 292 8.38 3.63 0.32
N ARG A 293 7.82 3.17 -0.80
N ARG A 293 7.82 3.18 -0.80
CA ARG A 293 8.56 2.84 -2.02
CA ARG A 293 8.52 2.82 -2.04
C ARG A 293 9.56 1.70 -1.78
C ARG A 293 9.43 1.60 -1.89
N ALA A 294 9.28 0.83 -0.81
CA ALA A 294 10.10 -0.37 -0.56
C ALA A 294 9.54 -1.57 -1.32
N TYR A 295 10.28 -2.08 -2.32
CA TYR A 295 9.86 -3.29 -3.02
C TYR A 295 9.87 -4.49 -2.08
N HIS A 296 8.88 -5.38 -2.22
CA HIS A 296 8.87 -6.62 -1.45
C HIS A 296 8.17 -7.73 -2.24
N SER A 297 8.50 -8.98 -1.87
CA SER A 297 7.95 -10.21 -2.44
C SER A 297 8.10 -11.31 -1.40
N GLY A 298 7.50 -12.47 -1.64
CA GLY A 298 7.68 -13.57 -0.71
C GLY A 298 6.82 -14.79 -1.03
N PHE A 299 6.78 -15.73 -0.08
CA PHE A 299 6.00 -16.95 -0.24
C PHE A 299 5.73 -17.55 1.14
N ASN A 300 4.73 -18.43 1.20
CA ASN A 300 4.29 -19.04 2.45
C ASN A 300 4.91 -20.43 2.61
N GLN A 301 5.33 -20.76 3.84
CA GLN A 301 5.93 -22.06 4.15
C GLN A 301 4.91 -23.19 4.25
N GLY A 302 3.64 -22.86 4.47
CA GLY A 302 2.60 -23.85 4.70
C GLY A 302 1.29 -23.15 5.01
N PHE A 303 0.31 -23.92 5.50
CA PHE A 303 -1.03 -23.39 5.80
C PHE A 303 -0.94 -22.27 6.86
N ASN A 304 -1.46 -21.08 6.53
CA ASN A 304 -1.40 -19.97 7.50
C ASN A 304 -2.49 -18.92 7.19
N PHE A 305 -2.57 -17.89 8.03
CA PHE A 305 -3.66 -16.91 8.02
C PHE A 305 -3.10 -15.54 8.40
N ALA A 306 -3.10 -14.59 7.45
CA ALA A 306 -2.51 -13.29 7.68
C ALA A 306 -3.53 -12.16 7.42
N GLU A 307 -3.25 -10.98 7.97
CA GLU A 307 -4.12 -9.81 7.85
C GLU A 307 -3.24 -8.56 7.70
N ALA A 308 -3.61 -7.66 6.78
CA ALA A 308 -2.77 -6.51 6.47
C ALA A 308 -3.59 -5.26 6.14
N VAL A 309 -2.98 -4.09 6.30
CA VAL A 309 -3.62 -2.82 5.97
C VAL A 309 -2.53 -1.82 5.56
N ASN A 310 -2.89 -0.88 4.67
CA ASN A 310 -2.01 0.22 4.27
C ASN A 310 -2.19 1.40 5.21
N PHE A 311 -1.17 2.26 5.32
CA PHE A 311 -1.35 3.47 6.11
C PHE A 311 -0.35 4.57 5.70
N CYS A 312 -0.69 5.81 6.05
CA CYS A 312 0.08 7.00 5.70
C CYS A 312 0.31 7.87 6.94
N THR A 313 1.58 8.19 7.21
CA THR A 313 2.00 9.05 8.32
C THR A 313 2.39 10.44 7.79
N VAL A 314 2.69 11.35 8.72
CA VAL A 314 3.18 12.67 8.33
C VAL A 314 4.53 12.56 7.62
N ASP A 315 5.38 11.61 8.04
CA ASP A 315 6.61 11.30 7.30
C ASP A 315 6.33 11.14 5.80
N TRP A 316 5.20 10.52 5.45
CA TRP A 316 4.95 10.09 4.09
C TRP A 316 4.48 11.21 3.17
N LEU A 317 3.85 12.27 3.73
CA LEU A 317 3.17 13.29 2.92
C LEU A 317 3.96 13.80 1.72
N PRO A 318 5.22 14.25 1.85
CA PRO A 318 5.93 14.72 0.64
C PRO A 318 6.23 13.61 -0.35
N LEU A 319 6.42 12.37 0.12
CA LEU A 319 6.56 11.24 -0.80
C LEU A 319 5.26 10.98 -1.56
N GLY A 320 4.12 11.14 -0.88
CA GLY A 320 2.84 11.01 -1.56
C GLY A 320 2.68 11.98 -2.73
N ARG A 321 3.17 13.22 -2.55
CA ARG A 321 3.12 14.19 -3.65
C ARG A 321 4.08 13.79 -4.78
N GLN A 322 5.30 13.36 -4.44
N GLN A 322 5.31 13.38 -4.44
CA GLN A 322 6.23 12.89 -5.45
CA GLN A 322 6.24 12.88 -5.45
C GLN A 322 5.70 11.65 -6.19
C GLN A 322 5.63 11.70 -6.20
N CYS A 323 4.94 10.80 -5.50
CA CYS A 323 4.37 9.62 -6.16
C CYS A 323 3.38 9.99 -7.28
N VAL A 324 2.49 10.95 -7.01
CA VAL A 324 1.46 11.33 -7.99
C VAL A 324 2.10 12.02 -9.20
N GLU A 325 3.18 12.78 -8.97
CA GLU A 325 3.98 13.30 -10.07
C GLU A 325 4.59 12.17 -10.89
N HIS A 326 5.10 11.13 -10.22
CA HIS A 326 5.66 9.99 -10.93
C HIS A 326 4.59 9.24 -11.71
N TYR A 327 3.37 9.12 -11.16
CA TYR A 327 2.28 8.46 -11.88
C TYR A 327 1.94 9.22 -13.16
N ARG A 328 1.99 10.55 -13.11
CA ARG A 328 1.70 11.37 -14.28
C ARG A 328 2.71 11.13 -15.40
N LEU A 329 4.01 11.13 -15.07
CA LEU A 329 5.02 10.78 -16.06
C LEU A 329 4.76 9.44 -16.71
N LEU A 330 4.26 8.47 -15.95
CA LEU A 330 4.03 7.13 -16.45
C LEU A 330 2.66 6.92 -17.07
N HIS A 331 1.76 7.91 -16.98
CA HIS A 331 0.37 7.75 -17.41
C HIS A 331 -0.36 6.65 -16.62
N ARG A 332 -0.08 6.56 -15.32
CA ARG A 332 -0.66 5.55 -14.45
C ARG A 332 -1.85 6.13 -13.68
N TYR A 333 -2.91 5.34 -13.51
CA TYR A 333 -4.08 5.80 -12.77
C TYR A 333 -3.75 6.02 -11.29
N CYS A 334 -4.46 6.98 -10.66
CA CYS A 334 -4.35 7.23 -9.23
C CYS A 334 -5.46 6.51 -8.47
N VAL A 335 -5.18 6.17 -7.21
CA VAL A 335 -6.25 5.63 -6.36
C VAL A 335 -7.10 6.77 -5.80
N PHE A 336 -6.46 7.86 -5.38
CA PHE A 336 -7.19 9.04 -4.93
C PHE A 336 -6.43 10.27 -5.38
N SER A 337 -7.05 11.44 -5.18
CA SER A 337 -6.40 12.72 -5.44
C SER A 337 -5.69 13.17 -4.17
N HIS A 338 -4.36 13.29 -4.26
CA HIS A 338 -3.57 13.79 -3.13
C HIS A 338 -3.98 15.21 -2.73
N ASP A 339 -4.13 16.11 -3.72
CA ASP A 339 -4.51 17.49 -3.40
C ASP A 339 -5.88 17.56 -2.74
N GLU A 340 -6.83 16.73 -3.19
CA GLU A 340 -8.13 16.70 -2.54
C GLU A 340 -8.01 16.28 -1.07
N MET A 341 -7.15 15.31 -0.78
CA MET A 341 -6.94 14.91 0.61
C MET A 341 -6.37 16.06 1.44
N ILE A 342 -5.35 16.77 0.89
CA ILE A 342 -4.76 17.92 1.58
C ILE A 342 -5.82 18.97 1.89
N CYS A 343 -6.66 19.32 0.91
CA CYS A 343 -7.66 20.37 1.14
C CYS A 343 -8.74 19.93 2.11
N LYS A 344 -9.09 18.63 2.11
CA LYS A 344 -10.06 18.15 3.08
C LYS A 344 -9.53 18.33 4.50
N MET A 345 -8.26 17.99 4.74
CA MET A 345 -7.69 18.18 6.08
C MET A 345 -7.64 19.66 6.45
N ALA A 346 -7.31 20.52 5.49
CA ALA A 346 -7.31 21.96 5.79
C ALA A 346 -8.68 22.43 6.23
N SER A 347 -9.74 21.92 5.61
CA SER A 347 -11.09 22.32 5.99
C SER A 347 -11.50 21.77 7.36
N LYS A 348 -10.71 20.87 7.96
CA LYS A 348 -10.94 20.36 9.30
C LYS A 348 -9.79 20.72 10.25
N ALA A 349 -9.11 21.86 10.00
CA ALA A 349 -7.87 22.17 10.74
C ALA A 349 -8.08 22.15 12.25
N ASP A 350 -9.25 22.60 12.73
CA ASP A 350 -9.44 22.69 14.17
C ASP A 350 -9.42 21.33 14.89
N VAL A 351 -9.63 20.21 14.18
CA VAL A 351 -9.64 18.91 14.85
C VAL A 351 -8.44 18.06 14.49
N LEU A 352 -7.40 18.63 13.88
CA LEU A 352 -6.23 17.85 13.55
C LEU A 352 -5.27 17.83 14.72
N ASP A 353 -4.56 16.71 14.85
CA ASP A 353 -3.36 16.67 15.65
C ASP A 353 -2.43 17.79 15.24
N VAL A 354 -1.80 18.45 16.22
CA VAL A 354 -1.06 19.68 15.94
C VAL A 354 0.16 19.41 15.06
N VAL A 355 0.81 18.25 15.22
CA VAL A 355 1.93 17.91 14.35
C VAL A 355 1.43 17.58 12.95
N VAL A 356 0.24 17.01 12.85
CA VAL A 356 -0.36 16.77 11.54
C VAL A 356 -0.65 18.11 10.86
N ALA A 357 -1.21 19.08 11.61
CA ALA A 357 -1.52 20.37 11.02
C ALA A 357 -0.27 21.04 10.47
N SER A 358 0.84 20.94 11.20
CA SER A 358 2.10 21.57 10.79
C SER A 358 2.62 20.98 9.49
N THR A 359 2.58 19.65 9.37
CA THR A 359 3.11 18.97 8.19
C THR A 359 2.20 19.14 6.97
N VAL A 360 0.88 19.12 7.17
CA VAL A 360 -0.04 19.40 6.06
C VAL A 360 0.16 20.82 5.55
N GLN A 361 0.39 21.76 6.47
CA GLN A 361 0.58 23.14 6.05
C GLN A 361 1.77 23.30 5.12
N LYS A 362 2.87 22.58 5.40
CA LYS A 362 4.05 22.67 4.54
C LYS A 362 3.79 22.10 3.14
N ASP A 363 3.09 20.96 3.05
CA ASP A 363 2.75 20.40 1.75
C ASP A 363 1.79 21.32 0.99
N MET A 364 0.87 21.98 1.70
CA MET A 364 -0.09 22.85 1.04
C MET A 364 0.58 24.07 0.44
N ALA A 365 1.65 24.56 1.09
CA ALA A 365 2.37 25.71 0.56
C ALA A 365 3.02 25.39 -0.78
N ILE A 366 3.56 24.18 -0.90
CA ILE A 366 4.12 23.74 -2.18
C ILE A 366 3.02 23.59 -3.22
N MET A 367 1.90 22.97 -2.83
CA MET A 367 0.75 22.84 -3.72
C MET A 367 0.33 24.20 -4.28
N ILE A 368 0.22 25.21 -3.42
CA ILE A 368 -0.31 26.50 -3.88
C ILE A 368 0.67 27.17 -4.83
N GLU A 369 1.97 27.07 -4.55
CA GLU A 369 2.96 27.68 -5.43
C GLU A 369 3.04 26.97 -6.78
N ASP A 370 2.98 25.63 -6.80
CA ASP A 370 2.92 24.93 -8.07
C ASP A 370 1.65 25.28 -8.84
N GLU A 371 0.51 25.45 -8.13
CA GLU A 371 -0.75 25.76 -8.83
C GLU A 371 -0.71 27.16 -9.42
N LYS A 372 -0.17 28.12 -8.67
CA LYS A 372 -0.01 29.48 -9.17
C LYS A 372 0.81 29.52 -10.47
N ALA A 373 1.91 28.78 -10.52
CA ALA A 373 2.74 28.77 -11.73
C ALA A 373 2.03 28.13 -12.92
N LEU A 374 1.31 27.03 -12.68
CA LEU A 374 0.57 26.37 -13.75
C LEU A 374 -0.52 27.28 -14.32
N ARG A 375 -1.24 28.01 -13.47
CA ARG A 375 -2.31 28.86 -13.99
C ARG A 375 -1.75 30.01 -14.83
N GLU A 376 -0.60 30.56 -14.44
CA GLU A 376 0.01 31.61 -15.25
C GLU A 376 0.44 31.08 -16.61
N THR A 377 0.91 29.83 -16.66
CA THR A 377 1.32 29.22 -17.92
C THR A 377 0.13 29.05 -18.87
N VAL A 378 -1.02 28.56 -18.37
CA VAL A 378 -2.14 28.34 -19.28
C VAL A 378 -2.77 29.65 -19.72
N ARG A 379 -2.76 30.68 -18.86
CA ARG A 379 -3.23 32.00 -19.31
C ARG A 379 -2.36 32.53 -20.46
N LYS A 380 -1.04 32.32 -20.40
CA LYS A 380 -0.18 32.80 -21.48
C LYS A 380 -0.37 31.99 -22.76
N LEU A 381 -0.98 30.80 -22.65
CA LEU A 381 -1.38 30.02 -23.82
C LEU A 381 -2.67 30.52 -24.46
N GLY A 382 -3.37 31.45 -23.83
CA GLY A 382 -4.57 32.01 -24.41
C GLY A 382 -5.88 31.49 -23.86
N VAL A 383 -5.85 30.74 -22.75
CA VAL A 383 -7.08 30.34 -22.07
C VAL A 383 -7.55 31.51 -21.19
N ILE A 384 -8.71 32.05 -21.50
CA ILE A 384 -9.20 33.25 -20.85
C ILE A 384 -10.42 32.98 -19.97
N ASP A 385 -11.41 32.28 -20.51
CA ASP A 385 -12.63 32.00 -19.76
C ASP A 385 -12.34 31.04 -18.60
N SER A 386 -13.16 31.11 -17.54
CA SER A 386 -12.96 30.25 -16.37
C SER A 386 -14.27 30.14 -15.58
N GLU A 387 -14.39 29.06 -14.79
CA GLU A 387 -15.59 28.84 -13.96
C GLU A 387 -15.26 27.87 -12.82
N ARG A 388 -15.76 28.18 -11.61
CA ARG A 388 -15.55 27.28 -10.47
C ARG A 388 -16.17 25.92 -10.74
N MET A 389 -15.53 24.87 -10.23
CA MET A 389 -16.11 23.54 -10.39
C MET A 389 -15.81 22.65 -9.19
N ASP A 390 -16.84 21.97 -8.64
CA ASP A 390 -16.69 21.06 -7.49
C ASP A 390 -16.26 19.67 -7.95
N PHE A 391 -14.96 19.53 -8.26
CA PHE A 391 -14.42 18.27 -8.78
C PHE A 391 -14.74 17.09 -7.88
N GLU A 392 -14.82 17.30 -6.55
CA GLU A 392 -15.00 16.15 -5.67
C GLU A 392 -16.34 15.43 -5.90
N LEU A 393 -17.31 16.10 -6.55
CA LEU A 393 -18.61 15.49 -6.82
C LEU A 393 -18.61 14.58 -8.06
N LEU A 394 -17.61 14.69 -8.92
CA LEU A 394 -17.55 13.85 -10.12
C LEU A 394 -17.01 12.47 -9.78
N PRO A 395 -17.63 11.41 -10.27
CA PRO A 395 -17.01 10.08 -10.21
C PRO A 395 -15.58 10.14 -10.76
N ASP A 396 -14.70 9.30 -10.22
CA ASP A 396 -13.29 9.36 -10.58
C ASP A 396 -13.05 9.21 -12.08
N ASP A 397 -13.78 8.29 -12.72
CA ASP A 397 -13.53 8.10 -14.15
C ASP A 397 -14.12 9.21 -15.00
N GLU A 398 -14.73 10.23 -14.40
CA GLU A 398 -15.17 11.41 -15.14
C GLU A 398 -14.24 12.62 -14.92
N ARG A 399 -13.13 12.46 -14.22
CA ARG A 399 -12.24 13.60 -13.99
C ARG A 399 -10.77 13.19 -14.10
N GLN A 400 -10.47 12.29 -15.02
CA GLN A 400 -9.10 11.89 -15.33
C GLN A 400 -8.59 12.65 -16.55
N CYS A 401 -7.33 13.08 -16.49
CA CYS A 401 -6.71 13.73 -17.64
C CYS A 401 -6.67 12.78 -18.84
N VAL A 402 -7.15 13.27 -19.98
CA VAL A 402 -7.13 12.51 -21.23
C VAL A 402 -5.74 11.97 -21.55
N LYS A 403 -4.69 12.78 -21.31
CA LYS A 403 -3.34 12.36 -21.68
C LYS A 403 -2.68 11.47 -20.63
N CYS A 404 -2.58 11.95 -19.39
CA CYS A 404 -1.77 11.29 -18.37
C CYS A 404 -2.59 10.50 -17.34
N LYS A 405 -3.92 10.54 -17.41
CA LYS A 405 -4.83 9.78 -16.53
C LYS A 405 -4.86 10.27 -15.08
N THR A 406 -4.22 11.39 -14.77
CA THR A 406 -4.23 11.86 -13.39
C THR A 406 -5.65 12.27 -12.97
N THR A 407 -5.97 12.05 -11.69
CA THR A 407 -7.25 12.46 -11.13
C THR A 407 -7.20 13.96 -10.83
N CYS A 408 -8.01 14.76 -11.53
CA CYS A 408 -7.99 16.21 -11.35
C CYS A 408 -8.74 16.64 -10.07
N PHE A 409 -8.29 17.75 -9.48
CA PHE A 409 -9.00 18.35 -8.34
C PHE A 409 -8.78 19.86 -8.25
N MET A 410 -7.51 20.30 -8.24
CA MET A 410 -7.25 21.74 -8.17
C MET A 410 -7.79 22.45 -9.41
N SER A 411 -7.56 21.88 -10.61
CA SER A 411 -8.01 22.53 -11.86
C SER A 411 -7.86 21.60 -13.06
N ALA A 412 -8.55 21.96 -14.15
CA ALA A 412 -8.50 21.22 -15.41
C ALA A 412 -8.93 22.17 -16.53
N ILE A 413 -8.74 21.73 -17.79
CA ILE A 413 -9.19 22.48 -18.96
C ILE A 413 -10.27 21.69 -19.69
N SER A 414 -11.37 22.36 -20.07
CA SER A 414 -12.40 21.77 -20.91
C SER A 414 -12.57 22.55 -22.20
N CYS A 415 -13.22 21.93 -23.20
CA CYS A 415 -13.52 22.54 -24.48
C CYS A 415 -14.96 22.18 -24.86
N SER A 416 -15.74 23.18 -25.27
CA SER A 416 -17.08 22.91 -25.76
C SER A 416 -17.07 21.92 -26.93
N CYS A 417 -15.99 21.89 -27.71
CA CYS A 417 -15.93 21.00 -28.87
C CYS A 417 -15.82 19.53 -28.49
N LYS A 418 -15.43 19.20 -27.25
CA LYS A 418 -15.28 17.81 -26.80
C LYS A 418 -15.89 17.65 -25.42
N PRO A 419 -17.22 17.56 -25.34
CA PRO A 419 -17.89 17.65 -24.04
C PRO A 419 -17.54 16.50 -23.11
N GLY A 420 -17.38 16.83 -21.84
CA GLY A 420 -17.06 15.84 -20.84
C GLY A 420 -15.60 15.49 -20.69
N LEU A 421 -14.74 15.89 -21.63
CA LEU A 421 -13.32 15.58 -21.55
C LEU A 421 -12.56 16.65 -20.76
N LEU A 422 -11.53 16.20 -20.05
CA LEU A 422 -10.67 17.08 -19.27
C LEU A 422 -9.22 16.75 -19.54
N VAL A 423 -8.37 17.79 -19.50
CA VAL A 423 -6.92 17.62 -19.37
C VAL A 423 -6.46 18.38 -18.13
N CYS A 424 -5.42 17.86 -17.47
CA CYS A 424 -4.76 18.64 -16.44
C CYS A 424 -3.98 19.80 -17.07
N LEU A 425 -3.46 20.69 -16.23
CA LEU A 425 -2.83 21.89 -16.73
C LEU A 425 -1.46 21.63 -17.35
N HIS A 426 -0.92 20.42 -17.23
CA HIS A 426 0.31 20.11 -17.97
C HIS A 426 0.03 19.75 -19.42
N HIS A 427 -1.23 19.45 -19.77
CA HIS A 427 -1.54 18.84 -21.05
C HIS A 427 -2.60 19.61 -21.80
N VAL A 428 -2.55 20.95 -21.67
CA VAL A 428 -3.49 21.83 -22.37
C VAL A 428 -3.55 21.51 -23.86
N LYS A 429 -2.40 21.20 -24.47
CA LYS A 429 -2.36 21.03 -25.92
C LYS A 429 -2.89 19.69 -26.40
N GLU A 430 -3.37 18.82 -25.50
CA GLU A 430 -3.77 17.45 -25.86
C GLU A 430 -5.29 17.23 -25.89
N LEU A 431 -6.11 18.28 -25.87
CA LEU A 431 -7.55 18.11 -25.67
C LEU A 431 -8.36 18.24 -26.97
N CYS A 432 -8.26 19.38 -27.65
CA CYS A 432 -9.18 19.85 -28.69
C CYS A 432 -8.30 20.27 -29.86
N SER A 433 -8.85 20.24 -31.09
CA SER A 433 -8.24 20.96 -32.20
C SER A 433 -8.66 22.42 -32.24
N CYS A 434 -9.57 22.83 -31.37
CA CYS A 434 -10.09 24.19 -31.37
C CYS A 434 -9.03 25.14 -30.81
N PRO A 435 -9.11 26.43 -31.16
CA PRO A 435 -8.14 27.39 -30.61
C PRO A 435 -8.39 27.65 -29.14
N PRO A 436 -7.38 28.07 -28.38
CA PRO A 436 -7.50 28.09 -26.92
C PRO A 436 -8.50 29.10 -26.38
N TYR A 437 -8.90 30.13 -27.14
CA TYR A 437 -9.91 31.02 -26.61
C TYR A 437 -11.27 30.34 -26.47
N LYS A 438 -11.43 29.14 -27.03
CA LYS A 438 -12.64 28.35 -26.83
C LYS A 438 -12.57 27.46 -25.60
N TYR A 439 -11.45 27.47 -24.89
CA TYR A 439 -11.24 26.65 -23.71
C TYR A 439 -11.74 27.35 -22.47
N LYS A 440 -11.88 26.59 -21.40
CA LYS A 440 -12.32 27.13 -20.13
C LYS A 440 -11.44 26.53 -19.03
N LEU A 441 -10.92 27.37 -18.16
CA LEU A 441 -10.27 26.85 -16.95
C LEU A 441 -11.33 26.51 -15.91
N ARG A 442 -11.41 25.23 -15.52
CA ARG A 442 -12.26 24.78 -14.40
C ARG A 442 -11.40 24.69 -13.14
N TYR A 443 -11.85 25.32 -12.03
CA TYR A 443 -10.99 25.40 -10.85
C TYR A 443 -11.81 25.17 -9.59
N ARG A 444 -11.18 24.54 -8.58
CA ARG A 444 -11.90 24.30 -7.33
C ARG A 444 -11.91 25.54 -6.43
N TYR A 445 -10.78 26.22 -6.32
CA TYR A 445 -10.62 27.39 -5.45
C TYR A 445 -9.88 28.48 -6.20
N THR A 446 -10.21 29.74 -5.91
CA THR A 446 -9.32 30.82 -6.29
C THR A 446 -8.09 30.79 -5.38
N LEU A 447 -7.01 31.42 -5.83
CA LEU A 447 -5.84 31.57 -4.98
C LEU A 447 -6.19 32.29 -3.68
N ASP A 448 -7.09 33.29 -3.76
CA ASP A 448 -7.53 34.00 -2.57
C ASP A 448 -8.29 33.10 -1.59
N ASP A 449 -9.01 32.07 -2.06
CA ASP A 449 -9.63 31.13 -1.12
C ASP A 449 -8.56 30.26 -0.43
N LEU A 450 -7.46 29.97 -1.12
CA LEU A 450 -6.54 28.96 -0.63
C LEU A 450 -5.72 29.46 0.57
N TYR A 451 -5.28 30.72 0.54
CA TYR A 451 -4.39 31.20 1.61
C TYR A 451 -5.05 31.22 2.99
N PRO A 452 -6.33 31.57 3.15
CA PRO A 452 -6.95 31.41 4.49
C PRO A 452 -7.03 29.97 4.97
N MET A 453 -7.21 28.99 4.08
CA MET A 453 -7.23 27.60 4.51
C MET A 453 -5.89 27.20 5.10
N MET A 454 -4.80 27.69 4.49
CA MET A 454 -3.48 27.36 5.01
C MET A 454 -3.23 28.06 6.33
N ASN A 455 -3.79 29.26 6.52
CA ASN A 455 -3.64 29.97 7.79
C ASN A 455 -4.33 29.27 8.95
N ALA A 456 -5.49 28.64 8.69
CA ALA A 456 -6.13 27.87 9.76
C ALA A 456 -5.23 26.76 10.25
N LEU A 457 -4.52 26.10 9.33
CA LEU A 457 -3.56 25.08 9.73
C LEU A 457 -2.43 25.69 10.56
N LYS A 458 -1.98 26.90 10.20
CA LYS A 458 -0.93 27.55 10.98
C LYS A 458 -1.39 27.86 12.40
N LEU A 459 -2.57 28.46 12.56
CA LEU A 459 -3.11 28.73 13.89
C LEU A 459 -3.18 27.46 14.72
N ARG A 460 -3.68 26.36 14.13
CA ARG A 460 -3.78 25.09 14.82
C ARG A 460 -2.41 24.58 15.24
N ALA A 461 -1.42 24.70 14.35
CA ALA A 461 -0.09 24.16 14.64
C ALA A 461 0.65 25.01 15.67
N GLU A 462 0.47 26.33 15.64
CA GLU A 462 1.23 27.22 16.52
C GLU A 462 0.72 27.21 17.96
N SER A 463 -0.46 26.67 18.22
CA SER A 463 -0.95 26.49 19.58
C SER A 463 -0.66 25.09 20.08
#